data_7UEO
#
_entry.id   7UEO
#
_cell.length_a   97.904
_cell.length_b   97.904
_cell.length_c   69.099
_cell.angle_alpha   90.000
_cell.angle_beta   90.000
_cell.angle_gamma   120.000
#
_symmetry.space_group_name_H-M   'P 31 2 1'
#
loop_
_entity.id
_entity.type
_entity.pdbx_description
1 polymer 'Pantothenate kinase 3'
2 non-polymer 'MAGNESIUM ION'
3 non-polymer 'PHOSPHOAMINOPHOSPHONIC ACID-ADENYLATE ESTER'
4 non-polymer 6-{4-[(4-cyclopropyl-2-fluorophenyl)acetyl]piperazin-1-yl}pyridazine-3-carbonitrile
5 non-polymer 1,2-ETHANEDIOL
6 water water
#
_entity_poly.entity_id   1
_entity_poly.type   'polypeptide(L)'
_entity_poly.pdbx_seq_one_letter_code
;MGSSHHHHHHSSGLVPRGSPWFGMDIGGTLVKLSYFEPIDITAEEEQEEVESLKSIRKYLTSNVAYGSTGIRDVHLELKD
LTLFGRRGNLHFIRFPTQDLPTFIQMGRDKNFSTLQTVLCATGGGAYKFEKDFRTIGNLHLHKLDELDCLVKGLLYIDSV
SFNGQAECYYFANASEPERCQKMPFNLDDPYPLLVVNIGSGVSILAVHSKDNYKRVTGTSLGGGTFLGLCSLLTGCESFE
EALEMASKGDSTQADKLVRDIYGGDYERFGLPGWAVASSFGNMIYKEKRESVSKEDLARATLVTITNNIGSVARMCAVNE
KINRVVFVGNFLRVNTLSMKLLAYALDYWSKGQLKALFLEHEGYFGAVGALLGLPNFSDD
;
_entity_poly.pdbx_strand_id   A
#
loop_
_chem_comp.id
_chem_comp.type
_chem_comp.name
_chem_comp.formula
ANP non-polymer 'PHOSPHOAMINOPHOSPHONIC ACID-ADENYLATE ESTER' 'C10 H17 N6 O12 P3'
EDO non-polymer 1,2-ETHANEDIOL 'C2 H6 O2'
MG non-polymer 'MAGNESIUM ION' 'Mg 2'
Y90 non-polymer 6-{4-[(4-cyclopropyl-2-fluorophenyl)acetyl]piperazin-1-yl}pyridazine-3-carbonitrile 'C20 H20 F N5 O'
#
# COMPACT_ATOMS: atom_id res chain seq x y z
N SER A 19 22.27 -8.38 -16.56
CA SER A 19 22.19 -8.32 -15.11
C SER A 19 20.81 -8.78 -14.65
N PRO A 20 20.63 -9.06 -13.35
CA PRO A 20 19.27 -9.31 -12.85
C PRO A 20 18.36 -8.13 -13.11
N TRP A 21 17.07 -8.43 -13.31
CA TRP A 21 16.06 -7.43 -13.59
C TRP A 21 15.31 -7.17 -12.30
N PHE A 22 15.50 -5.95 -11.73
CA PHE A 22 14.90 -5.48 -10.49
C PHE A 22 14.21 -4.15 -10.75
N GLY A 23 13.17 -3.88 -9.99
CA GLY A 23 12.68 -2.51 -9.82
C GLY A 23 12.57 -2.23 -8.34
N MET A 24 12.92 -1.02 -7.93
CA MET A 24 12.95 -0.75 -6.50
C MET A 24 12.21 0.54 -6.23
N ASP A 25 11.39 0.55 -5.17
CA ASP A 25 10.67 1.73 -4.70
C ASP A 25 11.14 1.95 -3.27
N ILE A 26 11.94 2.99 -3.03
CA ILE A 26 12.47 3.26 -1.70
C ILE A 26 11.58 4.32 -1.08
N GLY A 27 10.70 3.90 -0.19
CA GLY A 27 9.78 4.80 0.46
C GLY A 27 10.35 5.33 1.77
N GLY A 28 9.54 6.18 2.43
CA GLY A 28 9.94 6.69 3.74
C GLY A 28 10.02 5.62 4.81
N THR A 29 9.26 4.54 4.64
CA THR A 29 9.19 3.47 5.64
C THR A 29 9.70 2.15 5.11
N LEU A 30 9.24 1.72 3.94
CA LEU A 30 9.60 0.41 3.39
C LEU A 30 10.26 0.55 2.04
N VAL A 31 11.21 -0.36 1.75
CA VAL A 31 11.72 -0.58 0.41
C VAL A 31 10.93 -1.72 -0.18
N LYS A 32 10.46 -1.56 -1.39
CA LYS A 32 9.77 -2.62 -2.11
C LYS A 32 10.60 -2.95 -3.32
N LEU A 33 10.76 -4.24 -3.58
CA LEU A 33 11.61 -4.69 -4.66
C LEU A 33 10.82 -5.71 -5.47
N SER A 34 10.78 -5.54 -6.79
CA SER A 34 10.22 -6.55 -7.69
C SER A 34 11.37 -7.17 -8.46
N TYR A 35 11.41 -8.49 -8.52
CA TYR A 35 12.53 -9.20 -9.11
C TYR A 35 11.98 -10.19 -10.11
N PHE A 36 12.46 -10.13 -11.35
CA PHE A 36 12.04 -11.07 -12.40
C PHE A 36 13.01 -12.23 -12.45
N GLU A 37 12.53 -13.43 -12.13
CA GLU A 37 13.34 -14.64 -12.17
C GLU A 37 13.11 -15.35 -13.50
N PRO A 38 14.09 -15.40 -14.40
CA PRO A 38 13.87 -16.14 -15.67
C PRO A 38 13.72 -17.62 -15.39
N ILE A 39 12.78 -18.26 -16.10
CA ILE A 39 12.56 -19.69 -16.00
C ILE A 39 12.79 -20.38 -17.34
N ASP A 40 13.24 -19.65 -18.34
CA ASP A 40 13.53 -20.20 -19.65
C ASP A 40 15.03 -20.18 -19.95
N ILE A 41 15.86 -20.38 -18.94
CA ILE A 41 17.31 -20.33 -19.12
C ILE A 41 17.73 -21.56 -19.91
N THR A 42 18.40 -21.34 -21.03
CA THR A 42 18.84 -22.47 -21.84
C THR A 42 20.13 -23.07 -21.27
N ALA A 43 20.50 -24.23 -21.83
CA ALA A 43 21.75 -24.88 -21.42
C ALA A 43 22.95 -23.95 -21.59
N GLU A 44 23.04 -23.25 -22.72
CA GLU A 44 24.16 -22.35 -22.93
C GLU A 44 24.11 -21.17 -21.97
N GLU A 45 22.92 -20.60 -21.74
CA GLU A 45 22.83 -19.44 -20.86
C GLU A 45 23.28 -19.78 -19.45
N GLU A 46 22.97 -20.99 -18.99
CA GLU A 46 23.38 -21.37 -17.64
C GLU A 46 24.90 -21.45 -17.54
N GLN A 47 25.57 -21.91 -18.60
CA GLN A 47 27.03 -21.93 -18.61
C GLN A 47 27.60 -20.51 -18.51
N GLU A 48 27.14 -19.61 -19.37
CA GLU A 48 27.67 -18.26 -19.45
C GLU A 48 27.14 -17.33 -18.36
N GLU A 49 26.72 -17.89 -17.21
CA GLU A 49 26.26 -17.08 -16.10
C GLU A 49 27.31 -17.12 -14.98
N VAL A 50 27.68 -15.96 -14.50
CA VAL A 50 28.74 -15.87 -13.51
C VAL A 50 28.20 -16.29 -12.15
N GLU A 51 29.11 -16.80 -11.31
CA GLU A 51 28.70 -17.44 -10.07
C GLU A 51 27.97 -16.46 -9.14
N SER A 52 28.40 -15.19 -9.12
CA SER A 52 27.72 -14.21 -8.27
C SER A 52 26.25 -14.08 -8.65
N LEU A 53 25.97 -14.06 -9.95
CA LEU A 53 24.59 -14.00 -10.42
C LEU A 53 23.80 -15.24 -10.01
N LYS A 54 24.39 -16.43 -10.24
CA LYS A 54 23.75 -17.66 -9.77
C LYS A 54 23.52 -17.61 -8.27
N SER A 55 24.47 -17.05 -7.52
CA SER A 55 24.32 -16.96 -6.07
C SER A 55 23.14 -16.06 -5.69
N ILE A 56 23.01 -14.90 -6.36
CA ILE A 56 21.88 -14.01 -6.12
C ILE A 56 20.57 -14.71 -6.42
N ARG A 57 20.49 -15.40 -7.56
CA ARG A 57 19.22 -16.00 -7.95
C ARG A 57 18.81 -17.09 -6.97
N LYS A 58 19.74 -17.97 -6.59
CA LYS A 58 19.37 -19.04 -5.67
C LYS A 58 19.08 -18.48 -4.27
N TYR A 59 19.81 -17.43 -3.87
CA TYR A 59 19.54 -16.81 -2.57
C TYR A 59 18.13 -16.25 -2.52
N LEU A 60 17.72 -15.59 -3.59
CA LEU A 60 16.39 -14.96 -3.62
C LEU A 60 15.28 -16.00 -3.74
N THR A 61 15.50 -17.07 -4.52
CA THR A 61 14.42 -18.04 -4.75
C THR A 61 14.38 -19.18 -3.73
N SER A 62 15.44 -19.39 -2.94
CA SER A 62 15.44 -20.48 -1.96
C SER A 62 15.17 -19.98 -0.55
N ASN A 63 15.03 -18.68 -0.35
CA ASN A 63 14.72 -18.11 0.95
C ASN A 63 13.47 -17.25 0.86
N VAL A 64 12.70 -17.25 1.95
CA VAL A 64 11.54 -16.39 2.09
C VAL A 64 11.80 -15.24 3.06
N ALA A 65 12.72 -15.41 3.99
CA ALA A 65 13.18 -14.35 4.87
C ALA A 65 14.61 -14.03 4.49
N TYR A 66 14.93 -12.74 4.43
CA TYR A 66 16.29 -12.34 4.06
C TYR A 66 16.88 -11.59 5.24
N GLY A 67 17.94 -12.13 5.83
CA GLY A 67 18.40 -11.49 7.05
C GLY A 67 17.30 -11.48 8.10
N SER A 68 17.33 -10.44 8.94
CA SER A 68 16.34 -10.33 10.00
C SER A 68 15.11 -9.55 9.62
N THR A 69 15.13 -8.73 8.55
CA THR A 69 13.98 -7.89 8.30
C THR A 69 13.44 -7.95 6.87
N GLY A 70 14.05 -8.70 5.96
CA GLY A 70 13.56 -8.79 4.60
C GLY A 70 12.58 -9.95 4.46
N ILE A 71 11.54 -9.74 3.68
CA ILE A 71 10.49 -10.74 3.51
C ILE A 71 10.14 -10.82 2.02
N ARG A 72 10.02 -12.03 1.51
CA ARG A 72 9.43 -12.25 0.19
C ARG A 72 7.97 -12.62 0.36
N ASP A 73 7.09 -11.87 -0.29
CA ASP A 73 5.66 -12.12 -0.22
C ASP A 73 5.30 -13.16 -1.27
N VAL A 74 5.51 -14.44 -0.90
CA VAL A 74 5.38 -15.52 -1.87
C VAL A 74 3.97 -15.62 -2.45
N HIS A 75 2.94 -15.27 -1.65
CA HIS A 75 1.58 -15.41 -2.16
C HIS A 75 1.30 -14.47 -3.31
N LEU A 76 2.09 -13.41 -3.48
CA LEU A 76 1.89 -12.44 -4.54
C LEU A 76 2.62 -12.77 -5.83
N GLU A 77 3.46 -13.81 -5.86
CA GLU A 77 4.27 -14.12 -7.02
C GLU A 77 3.43 -14.30 -8.27
N LEU A 78 3.85 -13.66 -9.37
CA LEU A 78 3.23 -13.91 -10.67
C LEU A 78 4.05 -14.97 -11.36
N LYS A 79 3.42 -16.08 -11.72
CA LYS A 79 4.17 -17.18 -12.30
C LYS A 79 4.05 -17.21 -13.82
N ASP A 80 5.16 -17.52 -14.47
CA ASP A 80 5.19 -17.72 -15.92
C ASP A 80 4.67 -16.48 -16.63
N LEU A 81 5.20 -15.34 -16.21
CA LEU A 81 4.95 -14.06 -16.87
C LEU A 81 5.93 -13.89 -18.03
N THR A 82 5.44 -13.38 -19.15
CA THR A 82 6.31 -13.00 -20.27
C THR A 82 6.63 -11.52 -20.12
N LEU A 83 7.90 -11.20 -20.00
CA LEU A 83 8.35 -9.84 -19.79
C LEU A 83 9.65 -9.64 -20.56
N PHE A 84 9.72 -8.58 -21.35
CA PHE A 84 10.90 -8.27 -22.15
C PHE A 84 11.30 -9.45 -23.02
N GLY A 85 10.31 -10.20 -23.51
CA GLY A 85 10.57 -11.32 -24.38
C GLY A 85 11.07 -12.59 -23.72
N ARG A 86 11.11 -12.63 -22.39
CA ARG A 86 11.51 -13.81 -21.63
C ARG A 86 10.33 -14.26 -20.76
N ARG A 87 10.33 -15.54 -20.41
CA ARG A 87 9.36 -16.02 -19.43
C ARG A 87 10.03 -16.12 -18.07
N GLY A 88 9.30 -15.77 -17.03
CA GLY A 88 9.87 -15.92 -15.72
C GLY A 88 8.80 -15.71 -14.68
N ASN A 89 9.23 -15.71 -13.42
CA ASN A 89 8.36 -15.43 -12.29
C ASN A 89 8.67 -14.05 -11.76
N LEU A 90 7.64 -13.30 -11.44
CA LEU A 90 7.85 -11.99 -10.84
C LEU A 90 7.66 -12.10 -9.32
N HIS A 91 8.70 -11.72 -8.56
CA HIS A 91 8.71 -11.84 -7.11
C HIS A 91 8.57 -10.47 -6.46
N PHE A 92 8.03 -10.45 -5.23
CA PHE A 92 7.72 -9.21 -4.53
C PHE A 92 8.36 -9.28 -3.14
N ILE A 93 9.27 -8.35 -2.84
CA ILE A 93 10.14 -8.43 -1.67
C ILE A 93 10.12 -7.08 -0.98
N ARG A 94 10.11 -7.08 0.36
CA ARG A 94 10.08 -5.81 1.09
C ARG A 94 11.02 -5.88 2.29
N PHE A 95 11.55 -4.71 2.67
CA PHE A 95 12.32 -4.61 3.91
C PHE A 95 12.29 -3.16 4.35
N PRO A 96 12.65 -2.86 5.60
CA PRO A 96 12.54 -1.47 6.07
C PRO A 96 13.60 -0.58 5.44
N THR A 97 13.20 0.63 5.07
CA THR A 97 14.15 1.60 4.58
C THR A 97 15.30 1.81 5.55
N GLN A 98 15.03 1.74 6.85
CA GLN A 98 16.10 1.81 7.87
C GLN A 98 17.22 0.80 7.61
N ASP A 99 16.92 -0.34 6.97
CA ASP A 99 17.94 -1.36 6.75
C ASP A 99 18.53 -1.27 5.35
N LEU A 100 18.22 -0.24 4.59
CA LEU A 100 18.88 -0.10 3.28
C LEU A 100 20.41 -0.11 3.38
N PRO A 101 21.06 0.45 4.41
CA PRO A 101 22.53 0.31 4.51
C PRO A 101 22.99 -1.13 4.50
N THR A 102 22.29 -2.04 5.16
CA THR A 102 22.63 -3.46 5.06
C THR A 102 22.51 -3.96 3.62
N PHE A 103 21.40 -3.62 2.95
CA PHE A 103 21.20 -4.03 1.56
C PHE A 103 22.35 -3.55 0.68
N ILE A 104 22.71 -2.27 0.79
CA ILE A 104 23.78 -1.74 -0.05
C ILE A 104 25.10 -2.41 0.30
N GLN A 105 25.33 -2.70 1.59
CA GLN A 105 26.55 -3.39 1.99
C GLN A 105 26.58 -4.83 1.45
N MET A 106 25.45 -5.53 1.46
CA MET A 106 25.39 -6.81 0.76
C MET A 106 25.75 -6.65 -0.71
N GLY A 107 25.25 -5.60 -1.35
CA GLY A 107 25.55 -5.38 -2.76
C GLY A 107 27.04 -5.16 -3.02
N ARG A 108 27.76 -4.56 -2.07
CA ARG A 108 29.20 -4.36 -2.25
C ARG A 108 30.04 -5.59 -1.95
N ASP A 109 29.43 -6.70 -1.52
CA ASP A 109 30.20 -7.95 -1.36
C ASP A 109 30.58 -8.54 -2.71
N THR A 117 25.16 -3.95 -13.18
CA THR A 117 23.73 -3.89 -12.91
C THR A 117 23.23 -2.47 -13.14
N VAL A 118 22.05 -2.36 -13.74
CA VAL A 118 21.39 -1.07 -13.88
C VAL A 118 20.16 -1.12 -13.01
N LEU A 119 20.01 -0.13 -12.13
CA LEU A 119 18.96 -0.20 -11.12
C LEU A 119 17.97 0.92 -11.39
N CYS A 120 16.76 0.54 -11.76
CA CYS A 120 15.69 1.50 -11.92
C CYS A 120 15.05 1.63 -10.55
N ALA A 121 14.96 2.87 -10.05
CA ALA A 121 14.54 3.11 -8.67
C ALA A 121 13.61 4.31 -8.61
N THR A 122 12.62 4.22 -7.74
CA THR A 122 11.65 5.30 -7.54
C THR A 122 11.45 5.48 -6.04
N GLY A 123 10.46 6.28 -5.67
CA GLY A 123 10.31 6.67 -4.28
C GLY A 123 11.26 7.79 -3.90
N GLY A 124 10.95 8.46 -2.77
CA GLY A 124 11.83 9.54 -2.33
C GLY A 124 13.26 9.06 -2.09
N GLY A 125 13.43 7.79 -1.73
CA GLY A 125 14.77 7.33 -1.44
C GLY A 125 15.65 7.14 -2.66
N ALA A 126 15.07 7.09 -3.86
CA ALA A 126 15.91 7.06 -5.06
C ALA A 126 16.75 8.33 -5.14
N TYR A 127 16.21 9.45 -4.65
CA TYR A 127 16.95 10.71 -4.57
C TYR A 127 17.79 10.76 -3.32
N LYS A 128 17.18 10.49 -2.18
CA LYS A 128 17.89 10.66 -0.91
C LYS A 128 19.12 9.77 -0.83
N PHE A 129 19.02 8.54 -1.35
CA PHE A 129 20.12 7.58 -1.23
C PHE A 129 20.86 7.37 -2.54
N GLU A 130 20.68 8.27 -3.51
CA GLU A 130 21.40 8.16 -4.78
C GLU A 130 22.90 7.94 -4.59
N LYS A 131 23.51 8.77 -3.74
CA LYS A 131 24.95 8.67 -3.56
C LYS A 131 25.34 7.35 -2.93
N ASP A 132 24.47 6.78 -2.10
CA ASP A 132 24.79 5.50 -1.46
C ASP A 132 24.77 4.38 -2.48
N PHE A 133 23.78 4.37 -3.36
CA PHE A 133 23.75 3.35 -4.41
C PHE A 133 24.97 3.46 -5.31
N ARG A 134 25.51 4.65 -5.49
CA ARG A 134 26.67 4.76 -6.35
C ARG A 134 27.96 4.27 -5.72
N THR A 135 27.94 3.89 -4.42
CA THR A 135 29.10 3.24 -3.83
C THR A 135 29.28 1.83 -4.37
N ILE A 136 28.29 1.30 -5.06
CA ILE A 136 28.43 0.01 -5.73
C ILE A 136 29.07 0.30 -7.09
N GLY A 137 30.32 -0.11 -7.26
CA GLY A 137 31.07 0.17 -8.46
C GLY A 137 30.32 -0.08 -9.76
N ASN A 138 30.40 0.88 -10.67
CA ASN A 138 29.86 0.81 -12.03
C ASN A 138 28.34 0.63 -12.05
N LEU A 139 27.66 0.72 -10.91
CA LEU A 139 26.21 0.59 -10.91
C LEU A 139 25.60 1.83 -11.53
N HIS A 140 24.65 1.63 -12.44
CA HIS A 140 23.92 2.72 -13.07
C HIS A 140 22.58 2.85 -12.38
N LEU A 141 22.37 3.98 -11.72
CA LEU A 141 21.09 4.26 -11.06
C LEU A 141 20.27 5.18 -11.95
N HIS A 142 19.02 4.79 -12.21
CA HIS A 142 18.10 5.60 -13.00
C HIS A 142 16.91 5.92 -12.12
N LYS A 143 16.79 7.18 -11.72
CA LYS A 143 15.68 7.56 -10.87
C LYS A 143 14.45 7.80 -11.72
N LEU A 144 13.31 7.24 -11.31
CA LEU A 144 12.05 7.38 -12.01
C LEU A 144 10.99 7.92 -11.04
N ASP A 145 10.05 8.70 -11.56
CA ASP A 145 9.12 9.39 -10.64
C ASP A 145 8.13 8.42 -10.03
N GLU A 146 7.83 8.61 -8.72
CA GLU A 146 7.10 7.61 -7.97
C GLU A 146 5.66 7.51 -8.44
N LEU A 147 5.02 8.64 -8.74
CA LEU A 147 3.63 8.53 -9.15
C LEU A 147 3.52 8.03 -10.59
N ASP A 148 4.51 8.35 -11.42
CA ASP A 148 4.57 7.79 -12.78
C ASP A 148 4.79 6.24 -12.77
N CYS A 149 5.64 5.76 -11.86
CA CYS A 149 5.86 4.32 -11.70
C CYS A 149 4.62 3.64 -11.11
N LEU A 150 3.97 4.29 -10.15
CA LEU A 150 2.74 3.74 -9.59
C LEU A 150 1.71 3.46 -10.69
N VAL A 151 1.44 4.46 -11.54
CA VAL A 151 0.38 4.28 -12.54
C VAL A 151 0.75 3.18 -13.53
N LYS A 152 1.99 3.18 -14.03
CA LYS A 152 2.41 2.17 -14.97
C LYS A 152 2.34 0.76 -14.36
N GLY A 153 2.78 0.62 -13.11
CA GLY A 153 2.79 -0.71 -12.50
C GLY A 153 1.38 -1.20 -12.19
N LEU A 154 0.54 -0.31 -11.71
CA LEU A 154 -0.86 -0.66 -11.45
C LEU A 154 -1.55 -1.13 -12.72
N LEU A 155 -1.43 -0.36 -13.81
CA LEU A 155 -2.09 -0.74 -15.04
C LEU A 155 -1.51 -2.04 -15.58
N TYR A 156 -0.19 -2.22 -15.43
CA TYR A 156 0.45 -3.42 -15.94
C TYR A 156 -0.03 -4.67 -15.21
N ILE A 157 -0.01 -4.65 -13.88
CA ILE A 157 -0.39 -5.84 -13.11
C ILE A 157 -1.87 -6.16 -13.34
N ASP A 158 -2.72 -5.15 -13.38
CA ASP A 158 -4.11 -5.48 -13.67
C ASP A 158 -4.24 -6.10 -15.05
N SER A 159 -3.44 -5.64 -16.01
CA SER A 159 -3.53 -6.14 -17.38
C SER A 159 -3.12 -7.61 -17.49
N VAL A 160 -2.05 -8.01 -16.79
CA VAL A 160 -1.59 -9.40 -16.91
C VAL A 160 -2.37 -10.36 -16.03
N SER A 161 -3.15 -9.85 -15.08
CA SER A 161 -3.94 -10.60 -14.09
C SER A 161 -3.05 -11.15 -12.98
N PHE A 162 -3.68 -11.60 -11.89
CA PHE A 162 -3.01 -12.23 -10.77
C PHE A 162 -3.10 -13.73 -11.00
N ASN A 163 -2.23 -14.23 -11.86
CA ASN A 163 -2.26 -15.66 -12.20
C ASN A 163 -3.65 -16.10 -12.64
N GLY A 164 -4.29 -15.28 -13.48
CA GLY A 164 -5.61 -15.56 -14.02
C GLY A 164 -6.78 -15.11 -13.16
N GLN A 165 -6.53 -14.70 -11.93
CA GLN A 165 -7.56 -14.10 -11.08
C GLN A 165 -7.51 -12.59 -11.18
N ALA A 166 -8.59 -11.94 -10.76
CA ALA A 166 -8.63 -10.48 -10.78
C ALA A 166 -7.58 -9.89 -9.85
N GLU A 167 -6.89 -8.87 -10.34
CA GLU A 167 -6.04 -8.10 -9.44
C GLU A 167 -6.86 -7.16 -8.55
N CYS A 168 -8.04 -6.76 -9.03
CA CYS A 168 -8.82 -5.72 -8.37
C CYS A 168 -10.03 -6.35 -7.71
N TYR A 169 -10.37 -5.89 -6.51
CA TYR A 169 -11.55 -6.44 -5.83
C TYR A 169 -12.25 -5.33 -5.05
N TYR A 170 -13.48 -5.62 -4.65
CA TYR A 170 -14.22 -4.71 -3.77
C TYR A 170 -14.94 -5.55 -2.72
N PHE A 171 -15.60 -4.88 -1.77
CA PHE A 171 -16.38 -5.61 -0.78
C PHE A 171 -17.86 -5.42 -1.12
N ALA A 172 -18.49 -6.51 -1.58
CA ALA A 172 -19.90 -6.47 -1.92
C ALA A 172 -20.73 -6.28 -0.65
N ASN A 173 -21.80 -5.50 -0.78
CA ASN A 173 -22.73 -5.26 0.33
C ASN A 173 -21.98 -4.88 1.60
N ALA A 174 -21.09 -3.90 1.46
CA ALA A 174 -20.23 -3.48 2.55
C ALA A 174 -21.00 -2.90 3.75
N SER A 175 -22.28 -2.59 3.59
CA SER A 175 -23.08 -2.06 4.69
C SER A 175 -23.72 -3.14 5.55
N GLU A 176 -23.74 -4.40 5.12
CA GLU A 176 -24.34 -5.49 5.89
C GLU A 176 -23.29 -6.53 6.25
N PRO A 177 -22.95 -6.71 7.53
CA PRO A 177 -21.83 -7.58 7.87
C PRO A 177 -22.08 -9.06 7.56
N GLU A 178 -23.32 -9.54 7.67
CA GLU A 178 -23.61 -10.92 7.32
C GLU A 178 -23.52 -11.18 5.82
N ARG A 179 -23.43 -10.13 5.01
CA ARG A 179 -23.29 -10.27 3.57
C ARG A 179 -21.94 -9.82 3.04
N CYS A 180 -21.28 -8.90 3.74
CA CYS A 180 -20.07 -8.27 3.22
C CYS A 180 -19.03 -9.31 2.81
N GLN A 181 -18.58 -9.25 1.56
CA GLN A 181 -17.61 -10.22 1.10
C GLN A 181 -16.79 -9.67 -0.06
N LYS A 182 -15.51 -10.05 -0.06
CA LYS A 182 -14.58 -9.74 -1.16
C LYS A 182 -15.05 -10.29 -2.51
N MET A 183 -15.11 -9.44 -3.54
CA MET A 183 -15.55 -9.85 -4.88
C MET A 183 -14.68 -9.19 -5.95
N PRO A 184 -14.42 -9.88 -7.07
CA PRO A 184 -13.55 -9.31 -8.11
C PRO A 184 -14.20 -8.13 -8.81
N PHE A 185 -13.37 -7.22 -9.34
CA PHE A 185 -13.83 -6.04 -10.05
C PHE A 185 -13.01 -5.87 -11.32
N ASN A 186 -13.70 -5.68 -12.46
CA ASN A 186 -13.03 -5.55 -13.75
C ASN A 186 -12.57 -4.12 -14.00
N LEU A 187 -11.28 -3.95 -14.30
CA LEU A 187 -10.67 -2.66 -14.66
C LEU A 187 -10.17 -2.65 -16.10
N ASP A 188 -10.90 -3.27 -17.03
CA ASP A 188 -10.37 -3.37 -18.39
C ASP A 188 -10.35 -2.02 -19.08
N ASP A 189 -11.35 -1.18 -18.83
CA ASP A 189 -11.27 0.24 -19.17
C ASP A 189 -11.11 0.96 -17.85
N PRO A 190 -9.87 1.20 -17.41
CA PRO A 190 -9.63 1.72 -16.06
C PRO A 190 -9.84 3.22 -15.92
N TYR A 191 -10.23 3.93 -16.98
CA TYR A 191 -10.24 5.36 -16.78
C TYR A 191 -11.65 5.90 -16.77
N PRO A 192 -11.92 6.94 -15.98
CA PRO A 192 -10.95 7.58 -15.08
C PRO A 192 -10.88 6.84 -13.73
N LEU A 193 -9.84 7.10 -12.95
CA LEU A 193 -9.62 6.36 -11.72
C LEU A 193 -9.01 7.30 -10.69
N LEU A 194 -9.51 7.26 -9.45
CA LEU A 194 -8.88 8.00 -8.36
C LEU A 194 -8.06 7.00 -7.58
N VAL A 195 -6.75 7.25 -7.49
CA VAL A 195 -5.84 6.32 -6.82
C VAL A 195 -5.43 6.98 -5.51
N VAL A 196 -5.68 6.30 -4.39
CA VAL A 196 -5.33 6.84 -3.07
C VAL A 196 -4.19 5.98 -2.53
N ASN A 197 -2.99 6.55 -2.48
CA ASN A 197 -1.77 5.82 -2.13
C ASN A 197 -1.48 6.09 -0.66
N ILE A 198 -1.78 5.12 0.17
CA ILE A 198 -1.63 5.26 1.63
C ILE A 198 -0.29 4.65 2.01
N GLY A 199 0.73 5.48 2.10
CA GLY A 199 2.03 5.05 2.58
C GLY A 199 2.30 5.67 3.96
N SER A 200 3.47 6.28 4.17
CA SER A 200 3.68 7.06 5.38
C SER A 200 2.61 8.15 5.51
N GLY A 201 2.37 8.86 4.42
CA GLY A 201 1.35 9.90 4.29
C GLY A 201 0.36 9.43 3.25
N VAL A 202 -0.37 10.33 2.61
CA VAL A 202 -1.33 9.93 1.57
C VAL A 202 -1.15 10.82 0.36
N SER A 203 -1.01 10.21 -0.82
CA SER A 203 -1.09 10.93 -2.09
C SER A 203 -2.36 10.51 -2.81
N ILE A 204 -3.01 11.46 -3.44
CA ILE A 204 -4.24 11.19 -4.20
C ILE A 204 -3.99 11.58 -5.63
N LEU A 205 -4.20 10.62 -6.54
CA LEU A 205 -3.91 10.77 -7.96
C LEU A 205 -5.22 10.68 -8.73
N ALA A 206 -5.34 11.48 -9.78
CA ALA A 206 -6.46 11.37 -10.72
C ALA A 206 -5.88 10.86 -12.02
N VAL A 207 -6.33 9.69 -12.46
CA VAL A 207 -5.77 9.05 -13.65
C VAL A 207 -6.86 9.12 -14.71
N HIS A 208 -6.63 9.91 -15.77
CA HIS A 208 -7.59 10.03 -16.85
C HIS A 208 -7.30 9.15 -18.04
N SER A 209 -6.04 8.79 -18.26
CA SER A 209 -5.63 7.91 -19.35
C SER A 209 -4.28 7.33 -19.00
N LYS A 210 -3.73 6.50 -19.91
CA LYS A 210 -2.44 5.89 -19.64
C LYS A 210 -1.33 6.91 -19.54
N ASP A 211 -1.48 8.09 -20.16
CA ASP A 211 -0.46 9.14 -20.11
C ASP A 211 -0.98 10.48 -19.59
N ASN A 212 -2.17 10.53 -18.97
CA ASN A 212 -2.76 11.77 -18.48
C ASN A 212 -3.20 11.53 -17.04
N TYR A 213 -2.36 11.95 -16.11
CA TYR A 213 -2.67 11.74 -14.70
C TYR A 213 -2.00 12.84 -13.93
N LYS A 214 -2.52 13.12 -12.73
CA LYS A 214 -1.99 14.20 -11.93
C LYS A 214 -2.15 13.85 -10.46
N ARG A 215 -1.29 14.44 -9.64
CA ARG A 215 -1.46 14.37 -8.18
C ARG A 215 -2.43 15.46 -7.76
N VAL A 216 -3.62 15.08 -7.28
CA VAL A 216 -4.65 16.05 -6.93
C VAL A 216 -4.24 16.81 -5.67
N THR A 217 -3.91 16.06 -4.62
CA THR A 217 -3.48 16.60 -3.36
C THR A 217 -2.92 15.45 -2.53
N GLY A 218 -2.74 15.66 -1.23
CA GLY A 218 -2.35 14.57 -0.35
C GLY A 218 -2.79 14.95 1.04
N THR A 219 -2.57 14.04 1.99
CA THR A 219 -2.83 14.35 3.40
C THR A 219 -1.67 13.79 4.20
N SER A 220 -1.36 14.44 5.31
CA SER A 220 -0.29 14.01 6.20
C SER A 220 -0.74 12.93 7.17
N LEU A 221 -2.02 12.58 7.18
CA LEU A 221 -2.51 11.59 8.13
C LEU A 221 -2.58 10.25 7.40
N GLY A 222 -1.50 9.48 7.48
CA GLY A 222 -1.42 8.23 6.78
C GLY A 222 -0.93 7.10 7.67
N GLY A 223 -0.32 6.10 7.01
CA GLY A 223 0.14 4.94 7.74
C GLY A 223 1.15 5.25 8.82
N GLY A 224 2.01 6.25 8.59
CA GLY A 224 3.01 6.59 9.59
C GLY A 224 2.38 7.26 10.80
N THR A 225 1.30 7.98 10.58
CA THR A 225 0.51 8.55 11.68
C THR A 225 -0.13 7.43 12.51
N PHE A 226 -0.74 6.45 11.83
CA PHE A 226 -1.27 5.31 12.56
C PHE A 226 -0.19 4.67 13.43
N LEU A 227 0.93 4.32 12.81
CA LEU A 227 1.93 3.56 13.54
C LEU A 227 2.65 4.43 14.58
N GLY A 228 2.93 5.69 14.23
CA GLY A 228 3.59 6.59 15.18
C GLY A 228 2.72 6.89 16.38
N LEU A 229 1.46 7.31 16.15
CA LEU A 229 0.58 7.58 17.29
C LEU A 229 0.30 6.33 18.06
N CYS A 230 0.06 5.22 17.35
CA CYS A 230 -0.26 3.97 18.06
C CYS A 230 0.91 3.61 18.97
N SER A 231 2.15 3.76 18.50
CA SER A 231 3.30 3.42 19.35
C SER A 231 3.41 4.35 20.55
N LEU A 232 3.14 5.63 20.34
CA LEU A 232 3.19 6.55 21.47
C LEU A 232 2.12 6.21 22.51
N LEU A 233 0.91 5.87 22.06
CA LEU A 233 -0.22 5.69 22.96
C LEU A 233 -0.25 4.33 23.63
N THR A 234 0.29 3.30 22.98
CA THR A 234 0.13 1.94 23.49
C THR A 234 1.45 1.24 23.73
N GLY A 235 2.56 1.78 23.23
CA GLY A 235 3.84 1.09 23.35
C GLY A 235 3.98 -0.11 22.44
N CYS A 236 3.10 -0.27 21.45
CA CYS A 236 3.28 -1.35 20.50
C CYS A 236 4.60 -1.15 19.75
N GLU A 237 5.19 -2.26 19.29
CA GLU A 237 6.49 -2.14 18.65
C GLU A 237 6.49 -2.67 17.22
N SER A 238 5.31 -2.84 16.62
CA SER A 238 5.26 -3.21 15.21
C SER A 238 3.88 -2.87 14.66
N PHE A 239 3.84 -2.73 13.34
CA PHE A 239 2.56 -2.52 12.64
C PHE A 239 1.60 -3.65 12.96
N GLU A 240 2.08 -4.90 12.90
CA GLU A 240 1.20 -6.03 13.16
C GLU A 240 0.67 -6.02 14.58
N GLU A 241 1.52 -5.64 15.54
CA GLU A 241 1.03 -5.57 16.92
C GLU A 241 -0.01 -4.46 17.07
N ALA A 242 0.19 -3.35 16.36
CA ALA A 242 -0.78 -2.26 16.41
C ALA A 242 -2.14 -2.72 15.91
N LEU A 243 -2.16 -3.49 14.81
CA LEU A 243 -3.41 -4.02 14.27
C LEU A 243 -4.04 -5.04 15.20
N GLU A 244 -3.22 -5.90 15.82
CA GLU A 244 -3.76 -6.86 16.77
C GLU A 244 -4.44 -6.16 17.94
N MET A 245 -3.78 -5.15 18.50
CA MET A 245 -4.42 -4.35 19.54
C MET A 245 -5.72 -3.74 19.05
N ALA A 246 -5.69 -3.10 17.88
CA ALA A 246 -6.87 -2.42 17.35
C ALA A 246 -8.02 -3.39 17.18
N SER A 247 -7.71 -4.62 16.79
CA SER A 247 -8.77 -5.61 16.58
C SER A 247 -9.52 -5.93 17.85
N LYS A 248 -8.92 -5.70 19.02
CA LYS A 248 -9.54 -6.03 20.30
C LYS A 248 -10.18 -4.82 20.96
N GLY A 249 -10.00 -3.62 20.41
CA GLY A 249 -10.44 -2.40 21.06
C GLY A 249 -11.81 -1.91 20.61
N ASP A 250 -12.30 -0.90 21.34
CA ASP A 250 -13.57 -0.24 21.10
C ASP A 250 -13.24 1.24 20.95
N SER A 251 -13.22 1.76 19.72
CA SER A 251 -12.83 3.15 19.52
C SER A 251 -13.80 4.12 20.22
N THR A 252 -15.02 3.69 20.49
CA THR A 252 -16.00 4.63 21.09
C THR A 252 -15.68 4.95 22.54
N GLN A 253 -14.77 4.18 23.17
CA GLN A 253 -14.28 4.58 24.50
C GLN A 253 -13.42 5.84 24.43
N ALA A 254 -12.77 6.11 23.28
CA ALA A 254 -11.94 7.31 23.13
C ALA A 254 -12.64 8.42 22.38
N ASP A 255 -13.40 8.09 21.35
CA ASP A 255 -14.03 9.07 20.47
C ASP A 255 -15.32 9.59 21.07
N LYS A 256 -15.66 10.85 20.75
CA LYS A 256 -16.95 11.42 21.09
C LYS A 256 -17.85 11.30 19.86
N LEU A 257 -19.00 10.65 20.02
CA LEU A 257 -19.89 10.38 18.90
C LEU A 257 -20.98 11.45 18.84
N VAL A 258 -21.67 11.49 17.69
CA VAL A 258 -22.82 12.41 17.59
C VAL A 258 -23.81 12.17 18.73
N ARG A 259 -24.04 10.89 19.09
CA ARG A 259 -25.03 10.66 20.15
C ARG A 259 -24.54 11.13 21.51
N ASP A 260 -23.23 11.24 21.72
CA ASP A 260 -22.73 11.81 22.98
C ASP A 260 -23.02 13.30 23.10
N ILE A 261 -23.22 13.98 21.98
CA ILE A 261 -23.46 15.42 21.96
C ILE A 261 -24.95 15.76 21.88
N TYR A 262 -25.69 15.03 21.03
CA TYR A 262 -27.11 15.22 20.80
C TYR A 262 -28.00 14.30 21.62
N GLY A 263 -27.45 13.21 22.16
CA GLY A 263 -28.32 12.22 22.76
C GLY A 263 -28.94 11.25 21.77
N GLY A 264 -28.59 11.37 20.49
CA GLY A 264 -29.18 10.53 19.45
C GLY A 264 -28.65 11.00 18.12
N ASP A 265 -29.43 10.76 17.07
CA ASP A 265 -29.05 11.27 15.75
C ASP A 265 -29.15 12.79 15.71
N TYR A 266 -28.43 13.39 14.76
CA TYR A 266 -28.64 14.79 14.39
C TYR A 266 -29.41 14.73 13.08
N GLU A 267 -30.74 14.67 13.20
CA GLU A 267 -31.59 14.34 12.06
C GLU A 267 -31.53 15.42 10.98
N ARG A 268 -31.43 16.68 11.39
CA ARG A 268 -31.49 17.80 10.45
C ARG A 268 -30.46 17.65 9.34
N PHE A 269 -29.26 17.15 9.66
CA PHE A 269 -28.24 16.99 8.63
C PHE A 269 -27.92 15.52 8.36
N GLY A 270 -28.83 14.63 8.74
CA GLY A 270 -28.66 13.22 8.45
C GLY A 270 -27.40 12.64 9.03
N LEU A 271 -27.02 13.05 10.24
CA LEU A 271 -25.84 12.47 10.88
C LEU A 271 -26.28 11.39 11.85
N PRO A 272 -25.88 10.14 11.70
CA PRO A 272 -26.36 9.11 12.62
C PRO A 272 -25.66 9.24 13.96
N GLY A 273 -26.33 8.77 15.03
CA GLY A 273 -25.74 8.89 16.36
C GLY A 273 -24.38 8.22 16.49
N TRP A 274 -24.10 7.21 15.65
CA TRP A 274 -22.84 6.49 15.74
C TRP A 274 -21.70 7.17 15.02
N ALA A 275 -21.96 8.20 14.24
CA ALA A 275 -20.88 8.94 13.58
C ALA A 275 -19.92 9.56 14.60
N VAL A 276 -18.64 9.55 14.29
CA VAL A 276 -17.67 10.19 15.18
C VAL A 276 -17.74 11.70 15.00
N ALA A 277 -18.11 12.40 16.06
CA ALA A 277 -18.08 13.85 16.02
C ALA A 277 -16.68 14.41 16.31
N SER A 278 -15.93 13.77 17.21
CA SER A 278 -14.63 14.28 17.62
C SER A 278 -13.75 13.07 17.92
N SER A 279 -12.78 12.81 17.05
CA SER A 279 -11.83 11.73 17.30
C SER A 279 -11.06 12.01 18.59
N PHE A 280 -10.90 10.99 19.44
CA PHE A 280 -10.27 11.14 20.75
C PHE A 280 -10.99 12.18 21.61
N GLY A 281 -12.19 12.60 21.23
CA GLY A 281 -12.84 13.71 21.94
C GLY A 281 -13.29 13.37 23.35
N ASN A 282 -13.48 12.09 23.67
CA ASN A 282 -13.78 11.73 25.05
C ASN A 282 -12.53 11.72 25.93
N MET A 283 -11.34 11.88 25.34
CA MET A 283 -10.11 11.91 26.11
C MET A 283 -9.83 13.27 26.73
N ILE A 284 -10.74 14.24 26.58
CA ILE A 284 -10.58 15.48 27.33
C ILE A 284 -10.98 15.31 28.79
N TYR A 285 -11.56 14.17 29.15
CA TYR A 285 -12.00 13.94 30.51
C TYR A 285 -11.00 13.03 31.20
N LYS A 286 -10.46 13.48 32.34
CA LYS A 286 -9.38 12.72 32.95
C LYS A 286 -9.82 11.33 33.33
N GLU A 287 -11.06 11.19 33.83
CA GLU A 287 -11.48 9.88 34.27
C GLU A 287 -11.62 8.91 33.10
N LYS A 288 -11.96 9.42 31.91
CA LYS A 288 -12.01 8.54 30.75
C LYS A 288 -10.63 8.17 30.27
N ARG A 289 -9.67 9.09 30.34
CA ARG A 289 -8.29 8.72 30.03
C ARG A 289 -7.78 7.64 30.97
N GLU A 290 -8.29 7.60 32.18
CA GLU A 290 -7.80 6.62 33.15
C GLU A 290 -8.46 5.25 32.99
N SER A 291 -9.55 5.14 32.21
CA SER A 291 -10.22 3.86 32.05
C SER A 291 -10.01 3.26 30.67
N VAL A 292 -9.57 4.06 29.70
CA VAL A 292 -9.41 3.59 28.33
C VAL A 292 -8.26 2.59 28.27
N SER A 293 -8.43 1.53 27.48
CA SER A 293 -7.39 0.53 27.32
C SER A 293 -6.48 0.87 26.15
N LYS A 294 -5.28 0.26 26.15
CA LYS A 294 -4.40 0.38 24.99
C LYS A 294 -5.11 -0.05 23.71
N GLU A 295 -5.87 -1.15 23.78
CA GLU A 295 -6.55 -1.65 22.59
C GLU A 295 -7.57 -0.63 22.08
N ASP A 296 -8.31 -0.01 22.99
CA ASP A 296 -9.25 1.04 22.60
C ASP A 296 -8.53 2.18 21.88
N LEU A 297 -7.39 2.62 22.43
CA LEU A 297 -6.63 3.69 21.80
C LEU A 297 -6.12 3.28 20.42
N ALA A 298 -5.64 2.03 20.30
CA ALA A 298 -5.18 1.55 19.00
C ALA A 298 -6.31 1.60 17.99
N ARG A 299 -7.50 1.14 18.37
CA ARG A 299 -8.62 1.13 17.42
C ARG A 299 -9.08 2.55 17.11
N ALA A 300 -9.09 3.43 18.10
CA ALA A 300 -9.45 4.82 17.80
C ALA A 300 -8.42 5.42 16.85
N THR A 301 -7.15 5.07 17.01
CA THR A 301 -6.16 5.61 16.09
C THR A 301 -6.43 5.11 14.66
N LEU A 302 -6.68 3.80 14.51
CA LEU A 302 -6.98 3.24 13.19
C LEU A 302 -8.23 3.88 12.58
N VAL A 303 -9.29 3.99 13.37
CA VAL A 303 -10.55 4.54 12.86
C VAL A 303 -10.37 5.99 12.45
N THR A 304 -9.69 6.76 13.30
CA THR A 304 -9.44 8.17 13.00
C THR A 304 -8.73 8.33 11.65
N ILE A 305 -7.63 7.59 11.47
CA ILE A 305 -6.82 7.72 10.25
C ILE A 305 -7.62 7.23 9.06
N THR A 306 -8.31 6.09 9.22
CA THR A 306 -9.02 5.51 8.08
C THR A 306 -10.17 6.38 7.62
N ASN A 307 -10.99 6.85 8.57
CA ASN A 307 -12.08 7.76 8.21
C ASN A 307 -11.56 9.02 7.54
N ASN A 308 -10.43 9.56 8.00
CA ASN A 308 -9.95 10.80 7.36
C ASN A 308 -9.52 10.53 5.93
N ILE A 309 -8.85 9.39 5.72
CA ILE A 309 -8.45 9.00 4.37
C ILE A 309 -9.68 8.87 3.48
N GLY A 310 -10.72 8.16 3.96
CA GLY A 310 -11.90 7.99 3.15
C GLY A 310 -12.59 9.30 2.83
N SER A 311 -12.64 10.19 3.82
CA SER A 311 -13.33 11.46 3.63
C SER A 311 -12.58 12.35 2.65
N VAL A 312 -11.25 12.39 2.74
CA VAL A 312 -10.48 13.17 1.77
C VAL A 312 -10.64 12.55 0.38
N ALA A 313 -10.61 11.22 0.29
CA ALA A 313 -10.83 10.56 -1.00
C ALA A 313 -12.19 10.90 -1.57
N ARG A 314 -13.22 10.95 -0.71
CA ARG A 314 -14.56 11.29 -1.17
C ARG A 314 -14.62 12.71 -1.73
N MET A 315 -14.02 13.67 -1.02
CA MET A 315 -14.03 15.03 -1.50
C MET A 315 -13.26 15.18 -2.81
N CYS A 316 -12.12 14.48 -2.95
CA CYS A 316 -11.37 14.55 -4.21
C CYS A 316 -12.15 13.90 -5.35
N ALA A 317 -12.78 12.76 -5.09
CA ALA A 317 -13.58 12.10 -6.13
C ALA A 317 -14.70 13.02 -6.60
N VAL A 318 -15.38 13.68 -5.66
CA VAL A 318 -16.47 14.57 -6.08
C VAL A 318 -15.91 15.71 -6.93
N ASN A 319 -14.77 16.27 -6.51
CA ASN A 319 -14.18 17.39 -7.25
C ASN A 319 -13.68 16.96 -8.62
N GLU A 320 -13.09 15.77 -8.71
CA GLU A 320 -12.55 15.28 -9.97
C GLU A 320 -13.61 14.63 -10.86
N LYS A 321 -14.83 14.45 -10.36
CA LYS A 321 -15.91 13.78 -11.10
C LYS A 321 -15.50 12.36 -11.48
N ILE A 322 -14.98 11.63 -10.50
CA ILE A 322 -14.52 10.26 -10.67
C ILE A 322 -15.24 9.41 -9.62
N ASN A 323 -15.87 8.30 -10.05
CA ASN A 323 -16.63 7.52 -9.07
C ASN A 323 -15.95 6.22 -8.65
N ARG A 324 -14.81 5.87 -9.24
CA ARG A 324 -14.07 4.68 -8.83
C ARG A 324 -12.83 5.10 -8.08
N VAL A 325 -12.71 4.65 -6.84
CA VAL A 325 -11.64 5.08 -5.94
C VAL A 325 -10.86 3.84 -5.53
N VAL A 326 -9.60 3.73 -5.94
CA VAL A 326 -8.80 2.56 -5.63
CA VAL A 326 -8.78 2.56 -5.65
C VAL A 326 -7.74 2.92 -4.59
N PHE A 327 -7.65 2.11 -3.54
CA PHE A 327 -6.75 2.38 -2.42
C PHE A 327 -5.56 1.44 -2.53
N VAL A 328 -4.33 2.00 -2.46
CA VAL A 328 -3.10 1.21 -2.54
C VAL A 328 -2.17 1.67 -1.41
N GLY A 329 -0.97 1.09 -1.38
CA GLY A 329 -0.01 1.37 -0.32
C GLY A 329 -0.03 0.29 0.76
N ASN A 330 0.98 0.29 1.64
CA ASN A 330 1.03 -0.82 2.58
C ASN A 330 0.34 -0.55 3.91
N PHE A 331 -0.29 0.63 4.09
CA PHE A 331 -1.16 0.78 5.26
C PHE A 331 -2.22 -0.30 5.28
N LEU A 332 -2.68 -0.74 4.12
CA LEU A 332 -3.76 -1.73 4.07
C LEU A 332 -3.25 -3.18 4.04
N ARG A 333 -1.94 -3.41 4.09
CA ARG A 333 -1.40 -4.80 4.12
C ARG A 333 -1.90 -5.49 5.40
N VAL A 334 -2.33 -6.75 5.28
CA VAL A 334 -2.92 -7.56 6.35
C VAL A 334 -3.83 -6.72 7.24
N ASN A 335 -4.58 -5.78 6.65
CA ASN A 335 -5.36 -4.79 7.41
C ASN A 335 -6.81 -4.82 6.92
N THR A 336 -7.52 -5.92 7.17
CA THR A 336 -8.90 -6.02 6.69
CA THR A 336 -8.90 -6.03 6.71
C THR A 336 -9.82 -5.04 7.43
N LEU A 337 -9.51 -4.73 8.69
CA LEU A 337 -10.29 -3.75 9.43
C LEU A 337 -10.39 -2.44 8.67
N SER A 338 -9.23 -1.90 8.28
CA SER A 338 -9.23 -0.64 7.56
C SER A 338 -9.87 -0.78 6.18
N MET A 339 -9.64 -1.91 5.48
CA MET A 339 -10.27 -2.05 4.17
C MET A 339 -11.80 -2.05 4.31
N LYS A 340 -12.31 -2.83 5.26
CA LYS A 340 -13.76 -2.90 5.41
C LYS A 340 -14.31 -1.58 5.89
N LEU A 341 -13.55 -0.86 6.72
CA LEU A 341 -14.04 0.44 7.18
C LEU A 341 -14.09 1.41 6.02
N LEU A 342 -13.07 1.41 5.15
CA LEU A 342 -13.12 2.23 3.94
C LEU A 342 -14.28 1.85 3.04
N ALA A 343 -14.46 0.54 2.81
CA ALA A 343 -15.56 0.10 1.95
C ALA A 343 -16.89 0.59 2.48
N TYR A 344 -17.12 0.44 3.79
CA TYR A 344 -18.41 0.83 4.34
C TYR A 344 -18.56 2.35 4.34
N ALA A 345 -17.50 3.05 4.75
CA ALA A 345 -17.61 4.49 4.95
C ALA A 345 -17.73 5.20 3.62
N LEU A 346 -16.95 4.79 2.61
CA LEU A 346 -17.06 5.43 1.31
C LEU A 346 -18.45 5.24 0.71
N ASP A 347 -19.00 4.01 0.81
CA ASP A 347 -20.34 3.77 0.30
C ASP A 347 -21.39 4.51 1.13
N TYR A 348 -21.27 4.50 2.46
CA TYR A 348 -22.29 5.15 3.28
C TYR A 348 -22.29 6.66 3.08
N TRP A 349 -21.13 7.29 3.24
CA TRP A 349 -21.10 8.75 3.20
C TRP A 349 -21.29 9.29 1.79
N SER A 350 -21.05 8.47 0.75
CA SER A 350 -21.36 8.94 -0.59
C SER A 350 -22.77 8.57 -1.06
N LYS A 351 -23.59 8.03 -0.17
CA LYS A 351 -24.92 7.56 -0.53
C LYS A 351 -24.84 6.64 -1.74
N GLY A 352 -23.81 5.79 -1.77
CA GLY A 352 -23.69 4.79 -2.81
C GLY A 352 -23.14 5.27 -4.13
N GLN A 353 -22.68 6.51 -4.22
CA GLN A 353 -22.17 7.05 -5.48
C GLN A 353 -20.71 6.69 -5.73
N LEU A 354 -19.93 6.41 -4.69
CA LEU A 354 -18.54 6.01 -4.86
C LEU A 354 -18.38 4.57 -4.40
N LYS A 355 -17.44 3.85 -5.03
CA LYS A 355 -17.14 2.49 -4.63
C LYS A 355 -15.66 2.38 -4.30
N ALA A 356 -15.36 1.79 -3.14
CA ALA A 356 -13.97 1.56 -2.75
C ALA A 356 -13.43 0.30 -3.43
N LEU A 357 -12.29 0.44 -4.07
CA LEU A 357 -11.65 -0.67 -4.77
C LEU A 357 -10.29 -0.95 -4.14
N PHE A 358 -9.84 -2.20 -4.24
CA PHE A 358 -8.58 -2.61 -3.62
C PHE A 358 -7.83 -3.49 -4.61
N LEU A 359 -6.51 -3.59 -4.44
CA LEU A 359 -5.67 -4.34 -5.37
C LEU A 359 -4.81 -5.33 -4.60
N GLU A 360 -4.67 -6.55 -5.14
CA GLU A 360 -3.90 -7.55 -4.40
C GLU A 360 -2.44 -7.16 -4.23
N HIS A 361 -1.86 -6.46 -5.21
CA HIS A 361 -0.45 -6.08 -5.18
C HIS A 361 -0.23 -4.63 -4.73
N GLU A 362 -1.08 -4.16 -3.81
CA GLU A 362 -1.21 -2.71 -3.54
C GLU A 362 0.06 -2.05 -3.03
N GLY A 363 0.99 -2.77 -2.39
CA GLY A 363 2.18 -2.04 -1.98
C GLY A 363 3.29 -1.96 -3.01
N TYR A 364 3.17 -2.67 -4.14
CA TYR A 364 4.31 -2.94 -5.00
C TYR A 364 4.26 -2.24 -6.35
N PHE A 365 3.25 -1.38 -6.62
CA PHE A 365 3.09 -0.91 -7.98
C PHE A 365 4.24 -0.04 -8.42
N GLY A 366 4.76 0.80 -7.53
CA GLY A 366 5.92 1.62 -7.89
C GLY A 366 7.13 0.78 -8.26
N ALA A 367 7.42 -0.24 -7.48
CA ALA A 367 8.53 -1.12 -7.79
C ALA A 367 8.36 -1.77 -9.16
N VAL A 368 7.16 -2.24 -9.46
CA VAL A 368 6.92 -2.84 -10.78
C VAL A 368 7.08 -1.79 -11.88
N GLY A 369 6.51 -0.60 -11.68
CA GLY A 369 6.65 0.43 -12.68
C GLY A 369 8.10 0.79 -12.95
N ALA A 370 8.92 0.81 -11.89
CA ALA A 370 10.35 1.06 -12.06
C ALA A 370 10.97 -0.04 -12.91
N LEU A 371 10.66 -1.30 -12.59
CA LEU A 371 11.21 -2.41 -13.38
C LEU A 371 10.82 -2.26 -14.83
N LEU A 372 9.60 -1.78 -15.09
CA LEU A 372 9.14 -1.63 -16.46
C LEU A 372 9.89 -0.55 -17.23
N GLY A 373 10.61 0.34 -16.54
CA GLY A 373 11.40 1.34 -17.26
C GLY A 373 12.73 0.83 -17.77
N LEU A 374 13.06 -0.41 -17.42
CA LEU A 374 14.36 -0.96 -17.80
C LEU A 374 14.68 -0.83 -19.28
N PRO A 375 13.76 -1.09 -20.22
CA PRO A 375 14.13 -0.99 -21.64
C PRO A 375 14.51 0.41 -22.09
N ASN A 376 14.16 1.44 -21.35
CA ASN A 376 14.56 2.79 -21.73
C ASN A 376 16.04 3.07 -21.49
N PHE A 377 16.78 2.12 -20.93
CA PHE A 377 18.18 2.34 -20.61
C PHE A 377 19.04 1.22 -21.15
MG MG B . 5.54 4.87 -1.20
PG ANP C . 6.11 7.00 1.30
O1G ANP C . 5.18 8.07 1.89
O2G ANP C . 7.50 7.61 1.11
O3G ANP C . 5.50 6.65 -0.11
PB ANP C . 6.30 4.16 1.97
O1B ANP C . 6.40 4.00 0.46
O2B ANP C . 7.42 3.46 2.67
N3B ANP C . 6.11 5.73 2.40
PA ANP C . 4.26 2.12 2.09
O1A ANP C . 5.32 1.06 1.97
O2A ANP C . 3.28 2.17 0.92
O3A ANP C . 4.89 3.58 2.33
O5' ANP C . 3.40 1.95 3.42
C5' ANP C . 3.99 2.22 4.71
C4' ANP C . 2.94 1.97 5.78
O4' ANP C . 2.51 0.60 5.72
C3' ANP C . 3.41 2.18 7.21
O3' ANP C . 3.13 3.53 7.57
C2' ANP C . 2.49 1.25 8.02
O2' ANP C . 1.25 1.88 8.36
C1' ANP C . 2.22 0.11 7.02
N9 ANP C . 2.99 -1.12 7.22
C8 ANP C . 2.58 -2.37 6.80
N7 ANP C . 3.44 -3.31 7.03
C5 ANP C . 4.52 -2.66 7.62
C6 ANP C . 5.74 -3.11 8.14
N6 ANP C . 6.15 -4.39 8.11
N1 ANP C . 6.57 -2.19 8.67
C2 ANP C . 6.20 -0.90 8.69
N3 ANP C . 5.04 -0.37 8.26
C4 ANP C . 4.23 -1.30 7.75
C01 Y90 D . 0.59 16.52 1.13
C02 Y90 D . 1.21 15.63 2.23
C04 Y90 D . 3.76 12.64 0.46
C05 Y90 D . 2.55 12.28 1.04
C06 Y90 D . 1.72 13.25 1.61
C07 Y90 D . 2.14 14.59 1.61
C08 Y90 D . 4.65 11.54 -0.17
C09 Y90 D . 6.16 11.57 -0.01
C10 Y90 D . 5.54 11.89 -1.37
C11 Y90 D . -0.39 18.76 0.62
C12 Y90 D . -1.73 19.24 1.17
C14 Y90 D . -2.28 20.99 2.98
C17 Y90 D . -3.73 23.15 3.73
C18 Y90 D . -4.57 24.39 4.06
C20 Y90 D . -2.81 22.66 4.66
C21 Y90 D . -2.05 21.53 4.26
C22 Y90 D . -0.97 18.84 3.49
C23 Y90 D . 0.32 18.28 2.90
C25 Y90 D . 3.35 14.95 1.01
C26 Y90 D . 4.16 13.98 0.43
F13 Y90 D . 3.73 16.26 1.01
N10 Y90 D . 0.16 17.84 1.55
N13 Y90 D . -1.52 19.84 2.54
N15 Y90 D . -3.17 21.51 2.17
N16 Y90 D . -3.87 22.59 2.55
N19 Y90 D . -5.18 25.29 4.33
O24 Y90 D . 0.48 16.22 -0.02
C1 EDO E . 9.51 -6.14 7.06
O1 EDO E . 8.94 -5.76 8.33
C2 EDO E . 9.31 -4.99 6.09
O2 EDO E . 7.96 -4.98 5.59
C1 EDO F . -7.49 17.42 30.32
O1 EDO F . -8.17 17.12 31.56
C2 EDO F . -7.93 18.69 29.59
O2 EDO F . -9.35 18.74 29.38
#